data_8QUA
#
_entry.id   8QUA
#
_cell.length_a   55.942
_cell.length_b   55.942
_cell.length_c   107.112
_cell.angle_alpha   90
_cell.angle_beta   90
_cell.angle_gamma   120
#
_symmetry.space_group_name_H-M   'P 32 2 1'
#
loop_
_entity.id
_entity.type
_entity.pdbx_description
1 polymer 'Probable GTP-binding protein EngB'
2 non-polymer 'ACETYL GROUP'
3 non-polymer GLYCEROL
4 water water
#
_entity_poly.entity_id   1
_entity_poly.type   'polypeptide(L)'
_entity_poly.pdbx_seq_one_letter_code
;MKVNPNNIELIISAVKEEQYPETELSEVALSGRSNVGKSTFINSMIGRKNMARTSQQPGKTQTLNFYNIDEQLIFVDVPG
YGYAKVSKTQREKFGKMIEEYITKRENLQLVIQLVDLRHDPTQDDILMYNYLKHFDIPTLVICTKEDKIPKGKVQKHIKN
IKTQLDMDPDDTIVSYSSIQNNKQQQIWNLIEPYIS
;
_entity_poly.pdbx_strand_id   A
#
loop_
_chem_comp.id
_chem_comp.type
_chem_comp.name
_chem_comp.formula
ACE non-polymer 'ACETYL GROUP' 'C2 H4 O'
GOL non-polymer GLYCEROL 'C3 H8 O3'
#
# COMPACT_ATOMS: atom_id res chain seq x y z
N MET A 1 9.93 15.29 -0.01
CA MET A 1 10.06 15.80 1.39
C MET A 1 11.42 15.35 1.95
N LYS A 2 11.66 15.61 3.26
CA LYS A 2 12.89 15.25 3.95
C LYS A 2 12.89 13.75 4.30
N VAL A 3 13.12 12.91 3.26
CA VAL A 3 13.15 11.46 3.36
C VAL A 3 14.53 11.00 2.91
N ASN A 4 15.26 10.38 3.86
CA ASN A 4 16.63 9.94 3.70
C ASN A 4 16.64 8.41 3.66
N PRO A 5 17.23 7.72 2.64
CA PRO A 5 17.57 6.29 2.75
C PRO A 5 18.55 6.03 3.88
N ASN A 6 18.58 4.80 4.40
CA ASN A 6 19.50 4.38 5.48
C ASN A 6 19.07 4.89 6.85
N ASN A 7 18.17 5.90 6.95
CA ASN A 7 17.28 6.14 8.08
C ASN A 7 15.94 5.39 7.84
N ILE A 8 16.01 4.09 7.51
CA ILE A 8 14.86 3.23 7.27
C ILE A 8 15.14 1.87 7.92
N GLU A 9 14.18 1.38 8.74
CA GLU A 9 14.31 0.06 9.36
C GLU A 9 12.91 -0.52 9.54
N LEU A 10 12.83 -1.85 9.46
CA LEU A 10 11.66 -2.61 9.83
C LEU A 10 11.54 -2.55 11.36
N ILE A 11 10.48 -1.92 11.86
CA ILE A 11 10.21 -1.83 13.29
C ILE A 11 9.84 -3.22 13.82
N ILE A 12 8.83 -3.83 13.19
CA ILE A 12 8.24 -5.09 13.63
C ILE A 12 7.46 -5.70 12.44
N SER A 13 7.46 -7.05 12.37
CA SER A 13 6.47 -7.86 11.67
C SER A 13 5.42 -8.32 12.69
N ALA A 14 4.13 -7.98 12.47
CA ALA A 14 3.04 -8.17 13.41
C ALA A 14 1.97 -9.05 12.78
N VAL A 15 0.96 -9.38 13.60
CA VAL A 15 -0.27 -10.08 13.20
C VAL A 15 -1.46 -9.38 13.87
N LYS A 16 -1.51 -9.41 15.22
CA LYS A 16 -2.54 -8.78 16.01
C LYS A 16 -2.14 -7.33 16.31
N GLU A 17 -3.16 -6.50 16.61
CA GLU A 17 -2.99 -5.15 17.16
C GLU A 17 -2.14 -5.09 18.43
N GLU A 18 -2.09 -6.20 19.21
CA GLU A 18 -1.16 -6.42 20.30
C GLU A 18 0.29 -6.19 19.87
N GLN A 19 0.72 -6.84 18.76
CA GLN A 19 2.10 -6.75 18.27
C GLN A 19 2.43 -5.46 17.49
N TYR A 20 1.49 -4.51 17.25
CA TYR A 20 1.78 -3.30 16.47
C TYR A 20 2.69 -2.32 17.23
N PRO A 21 3.48 -1.45 16.52
CA PRO A 21 4.24 -0.38 17.17
C PRO A 21 3.30 0.72 17.70
N GLU A 22 3.56 1.24 18.91
CA GLU A 22 2.95 2.47 19.39
C GLU A 22 3.88 3.60 19.00
N THR A 23 3.40 4.57 18.20
CA THR A 23 4.13 5.80 17.86
C THR A 23 3.11 6.92 17.63
N GLU A 24 3.63 8.15 17.54
CA GLU A 24 2.92 9.35 17.14
C GLU A 24 2.89 9.52 15.61
N LEU A 25 3.56 8.63 14.84
CA LEU A 25 3.84 8.83 13.42
C LEU A 25 2.64 8.36 12.60
N SER A 26 2.38 9.11 11.52
CA SER A 26 1.44 8.72 10.49
C SER A 26 1.89 7.46 9.76
N GLU A 27 0.89 6.66 9.34
CA GLU A 27 1.05 5.36 8.71
C GLU A 27 0.38 5.37 7.34
N VAL A 28 1.17 5.05 6.29
CA VAL A 28 0.71 4.82 4.95
C VAL A 28 0.84 3.32 4.73
N ALA A 29 -0.31 2.66 4.47
CA ALA A 29 -0.36 1.25 4.18
C ALA A 29 -0.24 1.01 2.68
N LEU A 30 0.42 -0.09 2.33
CA LEU A 30 0.65 -0.51 0.96
C LEU A 30 -0.07 -1.84 0.75
N SER A 31 -0.92 -1.89 -0.30
CA SER A 31 -1.81 -3.01 -0.58
C SER A 31 -1.78 -3.35 -2.08
N GLY A 32 -1.96 -4.63 -2.41
CA GLY A 32 -2.06 -5.12 -3.79
C GLY A 32 -2.08 -6.65 -3.83
N ARG A 33 -2.12 -7.21 -5.04
CA ARG A 33 -2.18 -8.64 -5.27
C ARG A 33 -0.90 -9.36 -4.83
N SER A 34 0.27 -8.74 -5.14
CA SER A 34 1.58 -9.38 -5.14
C SER A 34 2.47 -8.78 -4.07
N ASN A 35 3.04 -9.64 -3.23
CA ASN A 35 4.13 -9.29 -2.34
C ASN A 35 5.35 -8.80 -3.12
N VAL A 36 5.69 -9.40 -4.29
CA VAL A 36 6.90 -9.03 -5.02
C VAL A 36 6.77 -7.65 -5.69
N GLY A 37 5.58 -7.29 -6.23
CA GLY A 37 5.41 -6.00 -6.90
C GLY A 37 5.45 -4.81 -5.92
N LYS A 38 4.96 -5.08 -4.72
CA LYS A 38 4.86 -4.15 -3.60
C LYS A 38 6.21 -3.93 -2.92
N SER A 39 7.02 -5.00 -2.75
CA SER A 39 8.38 -4.93 -2.20
C SER A 39 9.28 -4.06 -3.08
N THR A 40 9.22 -4.28 -4.39
CA THR A 40 9.90 -3.53 -5.44
C THR A 40 9.50 -2.05 -5.42
N PHE A 41 8.21 -1.76 -5.23
CA PHE A 41 7.76 -0.38 -5.15
C PHE A 41 8.37 0.32 -3.95
N ILE A 42 8.32 -0.29 -2.75
CA ILE A 42 8.86 0.31 -1.54
C ILE A 42 10.33 0.63 -1.76
N ASN A 43 11.08 -0.35 -2.31
CA ASN A 43 12.53 -0.25 -2.51
C ASN A 43 12.85 0.87 -3.51
N SER A 44 12.11 0.91 -4.62
CA SER A 44 12.16 2.00 -5.59
C SER A 44 11.85 3.36 -4.97
N MET A 45 10.88 3.45 -4.06
CA MET A 45 10.52 4.71 -3.41
C MET A 45 11.52 5.25 -2.40
N ILE A 46 12.20 4.36 -1.69
CA ILE A 46 13.19 4.71 -0.68
C ILE A 46 14.61 4.83 -1.26
N GLY A 47 14.87 4.35 -2.50
CA GLY A 47 16.21 4.32 -3.07
C GLY A 47 17.14 3.31 -2.37
N ARG A 48 16.63 2.12 -2.03
CA ARG A 48 17.42 0.98 -1.54
C ARG A 48 17.01 -0.28 -2.32
N LYS A 49 17.66 -1.41 -2.03
CA LYS A 49 17.23 -2.77 -2.35
C LYS A 49 17.46 -3.71 -1.16
N ASN A 50 16.64 -4.78 -1.07
CA ASN A 50 16.62 -5.71 0.07
C ASN A 50 16.46 -4.99 1.42
N MET A 51 15.71 -3.87 1.47
CA MET A 51 15.17 -3.29 2.69
C MET A 51 13.87 -4.04 2.93
N ALA A 52 12.92 -3.89 1.98
CA ALA A 52 11.60 -4.47 2.10
C ALA A 52 11.74 -6.00 2.03
N ARG A 53 11.30 -6.69 3.12
CA ARG A 53 11.29 -8.14 3.22
C ARG A 53 10.25 -8.72 2.24
N THR A 54 10.52 -9.95 1.75
CA THR A 54 9.89 -10.60 0.61
C THR A 54 9.88 -9.68 -0.60
N GLN A 62 1.36 -13.45 5.35
CA GLN A 62 2.07 -13.66 6.65
C GLN A 62 1.72 -12.47 7.55
N THR A 63 2.52 -11.39 7.48
CA THR A 63 2.61 -10.33 8.47
C THR A 63 2.41 -8.96 7.82
N LEU A 64 1.85 -8.02 8.61
CA LEU A 64 2.04 -6.59 8.38
C LEU A 64 3.48 -6.23 8.77
N ASN A 65 4.29 -5.74 7.82
CA ASN A 65 5.65 -5.25 8.09
C ASN A 65 5.61 -3.74 8.21
N PHE A 66 6.03 -3.19 9.37
CA PHE A 66 5.97 -1.77 9.69
C PHE A 66 7.38 -1.22 9.54
N TYR A 67 7.59 -0.31 8.55
CA TYR A 67 8.89 0.26 8.24
C TYR A 67 8.89 1.69 8.72
N ASN A 68 9.85 2.05 9.58
CA ASN A 68 10.05 3.42 10.01
C ASN A 68 10.77 4.15 8.86
N ILE A 69 10.18 5.26 8.36
CA ILE A 69 10.71 6.05 7.25
C ILE A 69 11.24 7.35 7.86
N ASP A 70 12.48 7.27 8.37
CA ASP A 70 13.26 8.46 8.74
C ASP A 70 12.60 9.31 9.83
N GLU A 71 11.96 8.67 10.82
CA GLU A 71 11.13 9.30 11.86
C GLU A 71 10.09 10.33 11.34
N GLN A 72 9.60 10.19 10.09
CA GLN A 72 8.60 11.10 9.52
C GLN A 72 7.26 10.42 9.25
N LEU A 73 7.31 9.15 8.82
CA LEU A 73 6.13 8.31 8.65
C LEU A 73 6.54 6.86 8.84
N ILE A 74 5.50 6.02 8.94
CA ILE A 74 5.66 4.59 8.84
C ILE A 74 4.96 4.15 7.54
N PHE A 75 5.63 3.25 6.82
CA PHE A 75 5.06 2.49 5.71
C PHE A 75 4.77 1.10 6.22
N VAL A 76 3.52 0.64 6.03
CA VAL A 76 3.02 -0.66 6.49
C VAL A 76 2.74 -1.48 5.24
N ASP A 77 3.52 -2.54 5.06
CA ASP A 77 3.35 -3.48 3.97
C ASP A 77 2.28 -4.51 4.35
N VAL A 78 1.16 -4.48 3.61
CA VAL A 78 0.00 -5.30 3.88
C VAL A 78 0.17 -6.54 3.01
N PRO A 79 0.05 -7.77 3.57
CA PRO A 79 0.11 -9.01 2.79
C PRO A 79 -0.80 -8.98 1.56
N GLY A 80 -0.27 -9.44 0.44
CA GLY A 80 -0.91 -9.40 -0.84
C GLY A 80 -2.12 -10.32 -0.88
N TYR A 81 -3.18 -9.87 -1.56
CA TYR A 81 -4.49 -10.52 -1.50
C TYR A 81 -4.78 -11.40 -2.72
N GLY A 82 -3.80 -11.59 -3.62
CA GLY A 82 -4.06 -12.10 -4.96
C GLY A 82 -3.97 -13.63 -5.09
N TYR A 83 -3.56 -14.38 -4.03
CA TYR A 83 -3.17 -15.78 -4.08
C TYR A 83 -4.08 -16.58 -3.15
N ALA A 84 -4.89 -17.52 -3.68
CA ALA A 84 -5.93 -18.22 -2.93
C ALA A 84 -5.36 -19.26 -1.97
N LYS A 85 -6.14 -19.61 -0.92
CA LYS A 85 -5.67 -20.32 0.28
C LYS A 85 -6.28 -21.71 0.51
N VAL A 86 -7.59 -21.88 0.27
CA VAL A 86 -8.37 -23.13 0.41
C VAL A 86 -8.82 -23.34 1.87
N SER A 87 -7.89 -23.40 2.84
CA SER A 87 -8.21 -23.46 4.26
C SER A 87 -9.07 -22.24 4.65
N LYS A 88 -10.25 -22.51 5.24
CA LYS A 88 -11.19 -21.49 5.72
C LYS A 88 -10.62 -20.75 6.94
N THR A 89 -9.83 -21.45 7.78
CA THR A 89 -9.04 -20.89 8.88
C THR A 89 -7.95 -19.92 8.40
N GLN A 90 -7.15 -20.36 7.41
CA GLN A 90 -6.16 -19.50 6.76
C GLN A 90 -6.86 -18.29 6.10
N ARG A 91 -8.00 -18.52 5.43
CA ARG A 91 -8.76 -17.46 4.77
C ARG A 91 -9.18 -16.40 5.79
N GLU A 92 -9.90 -16.86 6.83
CA GLU A 92 -10.44 -16.05 7.90
C GLU A 92 -9.32 -15.33 8.67
N LYS A 93 -8.17 -16.00 8.93
CA LYS A 93 -7.01 -15.40 9.58
C LYS A 93 -6.46 -14.20 8.78
N PHE A 94 -6.41 -14.33 7.45
CA PHE A 94 -5.98 -13.23 6.59
C PHE A 94 -6.98 -12.08 6.65
N GLY A 95 -8.27 -12.37 6.38
CA GLY A 95 -9.36 -11.41 6.37
C GLY A 95 -9.43 -10.57 7.65
N LYS A 96 -9.34 -11.24 8.81
CA LYS A 96 -9.33 -10.62 10.13
C LYS A 96 -8.10 -9.72 10.35
N MET A 97 -6.92 -10.14 9.85
CA MET A 97 -5.69 -9.37 9.97
C MET A 97 -5.83 -8.00 9.30
N ILE A 98 -6.40 -8.00 8.08
CA ILE A 98 -6.64 -6.78 7.31
C ILE A 98 -7.64 -5.89 8.05
N GLU A 99 -8.74 -6.49 8.49
CA GLU A 99 -9.90 -5.76 9.05
C GLU A 99 -9.50 -5.12 10.38
N GLU A 100 -8.81 -5.88 11.24
CA GLU A 100 -8.16 -5.41 12.46
C GLU A 100 -7.34 -4.15 12.21
N TYR A 101 -6.48 -4.20 11.16
CA TYR A 101 -5.62 -3.07 10.84
C TYR A 101 -6.41 -1.85 10.38
N ILE A 102 -7.15 -1.98 9.27
CA ILE A 102 -7.92 -0.91 8.64
C ILE A 102 -8.94 -0.28 9.60
N THR A 103 -9.61 -1.05 10.49
CA THR A 103 -10.70 -0.49 11.31
C THR A 103 -10.23 0.00 12.68
N LYS A 104 -9.15 -0.54 13.24
CA LYS A 104 -8.63 -0.08 14.54
C LYS A 104 -7.59 1.02 14.34
N ARG A 105 -6.62 0.81 13.43
CA ARG A 105 -5.35 1.52 13.47
C ARG A 105 -5.57 3.03 13.33
N GLU A 106 -5.45 3.70 14.48
CA GLU A 106 -5.56 5.16 14.59
C GLU A 106 -4.47 5.89 13.78
N ASN A 107 -3.28 5.26 13.60
CA ASN A 107 -2.14 5.86 12.93
C ASN A 107 -2.35 5.95 11.41
N LEU A 108 -3.19 5.08 10.82
CA LEU A 108 -3.43 4.97 9.38
C LEU A 108 -4.10 6.24 8.82
N GLN A 109 -3.42 6.94 7.90
CA GLN A 109 -3.90 8.13 7.21
C GLN A 109 -4.20 7.98 5.71
N LEU A 110 -3.57 6.98 5.04
CA LEU A 110 -3.68 6.81 3.60
C LEU A 110 -3.34 5.36 3.25
N VAL A 111 -4.04 4.82 2.23
CA VAL A 111 -3.66 3.54 1.63
C VAL A 111 -3.21 3.80 0.20
N ILE A 112 -2.00 3.35 -0.16
CA ILE A 112 -1.57 3.13 -1.53
C ILE A 112 -2.00 1.74 -1.99
N GLN A 113 -2.84 1.71 -3.05
CA GLN A 113 -3.16 0.46 -3.75
C GLN A 113 -2.37 0.42 -5.06
N LEU A 114 -1.53 -0.63 -5.20
CA LEU A 114 -0.81 -0.96 -6.43
C LEU A 114 -1.68 -1.85 -7.33
N VAL A 115 -1.87 -1.40 -8.58
CA VAL A 115 -2.52 -2.13 -9.66
C VAL A 115 -1.58 -2.12 -10.87
N ASP A 116 -1.56 -3.23 -11.63
CA ASP A 116 -0.73 -3.41 -12.81
C ASP A 116 -1.35 -2.63 -13.99
N LEU A 117 -0.61 -1.63 -14.49
CA LEU A 117 -1.05 -0.75 -15.57
C LEU A 117 -1.28 -1.51 -16.88
N ARG A 118 -0.50 -2.58 -17.14
CA ARG A 118 -0.62 -3.43 -18.32
C ARG A 118 -2.04 -4.01 -18.47
N HIS A 119 -2.59 -4.56 -17.38
CA HIS A 119 -3.86 -5.29 -17.41
C HIS A 119 -5.00 -4.48 -16.77
N ASP A 120 -6.21 -5.01 -16.91
CA ASP A 120 -7.36 -4.64 -16.11
C ASP A 120 -7.08 -4.89 -14.61
N PRO A 121 -7.81 -4.23 -13.68
CA PRO A 121 -7.80 -4.63 -12.25
C PRO A 121 -8.50 -5.97 -12.08
N THR A 122 -8.01 -6.79 -11.14
CA THR A 122 -8.68 -8.05 -10.82
C THR A 122 -9.92 -7.76 -9.98
N GLN A 123 -10.76 -8.79 -9.83
CA GLN A 123 -11.91 -8.71 -8.94
C GLN A 123 -11.42 -8.40 -7.52
N ASP A 124 -10.27 -8.97 -7.10
CA ASP A 124 -9.66 -8.70 -5.82
C ASP A 124 -9.28 -7.22 -5.64
N ASP A 125 -8.70 -6.60 -6.68
CA ASP A 125 -8.39 -5.17 -6.68
C ASP A 125 -9.65 -4.31 -6.53
N ILE A 126 -10.77 -4.75 -7.11
CA ILE A 126 -12.01 -4.00 -7.15
C ILE A 126 -12.66 -4.07 -5.76
N LEU A 127 -12.80 -5.30 -5.23
CA LEU A 127 -13.26 -5.55 -3.87
C LEU A 127 -12.38 -4.87 -2.81
N MET A 128 -11.04 -4.86 -2.97
CA MET A 128 -10.18 -4.16 -2.01
C MET A 128 -10.45 -2.66 -2.01
N TYR A 129 -10.48 -2.04 -3.19
CA TYR A 129 -10.79 -0.63 -3.29
C TYR A 129 -12.17 -0.35 -2.67
N ASN A 130 -13.18 -1.19 -2.95
CA ASN A 130 -14.51 -1.01 -2.33
C ASN A 130 -14.52 -1.26 -0.82
N TYR A 131 -13.69 -2.18 -0.30
CA TYR A 131 -13.52 -2.33 1.15
C TYR A 131 -13.03 -1.02 1.78
N LEU A 132 -12.03 -0.37 1.14
CA LEU A 132 -11.44 0.86 1.65
C LEU A 132 -12.45 2.04 1.60
N LYS A 133 -13.33 2.09 0.59
CA LYS A 133 -14.32 3.16 0.46
C LYS A 133 -15.43 3.07 1.52
N HIS A 134 -15.75 1.85 2.00
CA HIS A 134 -16.72 1.55 3.03
C HIS A 134 -16.35 2.14 4.40
N PHE A 135 -15.03 2.37 4.64
CA PHE A 135 -14.52 2.99 5.85
C PHE A 135 -13.93 4.36 5.61
N ASP A 136 -14.21 5.00 4.46
CA ASP A 136 -13.68 6.30 4.06
C ASP A 136 -12.17 6.43 4.33
N ILE A 137 -11.40 5.39 3.93
CA ILE A 137 -9.93 5.41 3.98
C ILE A 137 -9.48 6.19 2.74
N PRO A 138 -8.74 7.33 2.85
CA PRO A 138 -8.12 7.99 1.70
C PRO A 138 -7.19 7.01 0.94
N THR A 139 -7.32 6.96 -0.40
CA THR A 139 -6.68 5.92 -1.20
C THR A 139 -5.98 6.57 -2.40
N LEU A 140 -4.67 6.34 -2.57
CA LEU A 140 -3.88 6.71 -3.74
C LEU A 140 -3.67 5.44 -4.55
N VAL A 141 -4.27 5.37 -5.74
CA VAL A 141 -4.10 4.22 -6.62
C VAL A 141 -2.88 4.52 -7.45
N ILE A 142 -1.88 3.62 -7.42
CA ILE A 142 -0.69 3.74 -8.22
C ILE A 142 -0.70 2.58 -9.23
N CYS A 143 -0.57 2.93 -10.53
CA CYS A 143 -0.60 1.98 -11.63
C CYS A 143 0.82 1.66 -12.06
N THR A 144 1.32 0.46 -11.70
CA THR A 144 2.74 0.13 -11.75
C THR A 144 3.16 -0.37 -13.15
N LYS A 145 4.50 -0.52 -13.32
CA LYS A 145 5.15 -1.08 -14.50
C LYS A 145 4.71 -0.29 -15.74
N GLU A 146 4.95 1.05 -15.68
CA GLU A 146 4.38 2.01 -16.61
C GLU A 146 5.01 1.90 -18.00
N ASP A 147 6.34 1.89 -18.03
CA ASP A 147 7.15 1.33 -19.11
C ASP A 147 6.61 -0.08 -19.43
N LYS A 148 6.32 -0.37 -20.71
CA LYS A 148 5.45 -1.45 -21.16
C LYS A 148 4.01 -0.91 -21.19
N VAL A 154 -0.82 4.03 -21.76
CA VAL A 154 -0.87 4.73 -20.44
C VAL A 154 -2.26 5.32 -20.25
N GLN A 155 -2.57 6.34 -21.06
CA GLN A 155 -3.73 7.21 -20.91
C GLN A 155 -5.07 6.46 -20.80
N LYS A 156 -5.28 5.52 -21.74
CA LYS A 156 -6.47 4.68 -21.78
C LYS A 156 -6.40 3.61 -20.67
N HIS A 157 -5.21 3.02 -20.47
CA HIS A 157 -4.95 2.00 -19.44
C HIS A 157 -5.22 2.54 -18.02
N ILE A 158 -4.94 3.84 -17.75
CA ILE A 158 -5.29 4.47 -16.47
C ILE A 158 -6.80 4.60 -16.34
N LYS A 159 -7.51 5.10 -17.38
CA LYS A 159 -8.96 5.28 -17.28
C LYS A 159 -9.67 3.95 -17.10
N ASN A 160 -9.19 2.91 -17.80
CA ASN A 160 -9.67 1.54 -17.67
C ASN A 160 -9.69 1.09 -16.20
N ILE A 161 -8.60 1.39 -15.45
CA ILE A 161 -8.49 1.04 -14.03
C ILE A 161 -9.44 1.92 -13.21
N LYS A 162 -9.41 3.25 -13.44
CA LYS A 162 -10.22 4.18 -12.66
C LYS A 162 -11.71 3.80 -12.71
N THR A 163 -12.20 3.49 -13.93
CA THR A 163 -13.58 3.09 -14.22
C THR A 163 -13.92 1.73 -13.62
N GLN A 164 -13.01 0.76 -13.75
CA GLN A 164 -13.23 -0.58 -13.23
C GLN A 164 -13.20 -0.52 -11.71
N LEU A 165 -12.28 0.29 -11.13
CA LEU A 165 -12.30 0.59 -9.70
C LEU A 165 -13.59 1.32 -9.29
N ASP A 166 -14.05 2.24 -10.14
CA ASP A 166 -15.15 3.15 -9.86
C ASP A 166 -14.69 4.10 -8.76
N MET A 167 -13.66 4.88 -9.07
CA MET A 167 -12.93 5.61 -8.04
C MET A 167 -13.78 6.75 -7.50
N ASP A 168 -13.72 6.93 -6.17
CA ASP A 168 -14.04 8.18 -5.51
C ASP A 168 -13.31 9.32 -6.22
N PRO A 169 -13.98 10.48 -6.54
CA PRO A 169 -13.31 11.62 -7.16
C PRO A 169 -12.26 12.34 -6.29
N ASP A 170 -12.40 12.31 -4.96
CA ASP A 170 -11.36 12.74 -4.03
C ASP A 170 -10.05 11.92 -4.13
N ASP A 171 -10.12 10.64 -4.52
CA ASP A 171 -8.92 9.82 -4.69
C ASP A 171 -8.18 10.14 -5.98
N THR A 172 -6.83 10.19 -5.91
CA THR A 172 -5.93 10.31 -7.04
C THR A 172 -5.57 8.93 -7.57
N ILE A 173 -5.23 8.89 -8.88
CA ILE A 173 -4.68 7.75 -9.60
C ILE A 173 -3.49 8.27 -10.39
N VAL A 174 -2.35 7.54 -10.39
CA VAL A 174 -1.10 7.96 -11.02
C VAL A 174 -0.40 6.72 -11.59
N SER A 175 0.49 6.90 -12.60
CA SER A 175 1.27 5.83 -13.19
C SER A 175 2.69 5.88 -12.65
N TYR A 176 3.39 4.74 -12.68
CA TYR A 176 4.70 4.56 -12.03
C TYR A 176 5.52 3.41 -12.67
N SER A 177 6.86 3.57 -12.64
CA SER A 177 7.86 2.57 -13.01
C SER A 177 8.71 2.25 -11.77
N SER A 178 8.81 0.97 -11.37
CA SER A 178 9.53 0.55 -10.19
C SER A 178 11.01 0.32 -10.53
N ASN A 181 14.50 7.66 -9.65
CA ASN A 181 14.35 8.11 -11.06
C ASN A 181 13.29 9.23 -11.07
N ASN A 182 12.11 8.97 -11.65
CA ASN A 182 11.26 10.00 -12.22
C ASN A 182 10.10 10.38 -11.29
N LYS A 183 9.26 9.39 -10.95
CA LYS A 183 7.95 9.64 -10.35
C LYS A 183 7.98 9.57 -8.83
N GLN A 184 9.14 9.36 -8.18
CA GLN A 184 9.24 9.22 -6.72
C GLN A 184 8.84 10.51 -6.02
N GLN A 185 9.21 11.71 -6.55
CA GLN A 185 8.89 12.96 -5.86
C GLN A 185 7.41 13.33 -5.99
N GLN A 186 6.77 13.05 -7.14
CA GLN A 186 5.33 13.18 -7.27
C GLN A 186 4.59 12.39 -6.17
N ILE A 187 5.02 11.13 -5.93
CA ILE A 187 4.36 10.27 -4.98
C ILE A 187 4.58 10.80 -3.56
N TRP A 188 5.81 11.23 -3.22
CA TRP A 188 6.07 11.85 -1.91
C TRP A 188 5.20 13.10 -1.66
N ASN A 189 4.93 13.87 -2.72
CA ASN A 189 4.09 15.06 -2.63
C ASN A 189 2.62 14.75 -2.41
N LEU A 190 2.13 13.60 -2.93
CA LEU A 190 0.78 13.13 -2.66
C LEU A 190 0.61 12.60 -1.22
N ILE A 191 1.63 11.89 -0.70
CA ILE A 191 1.68 11.41 0.68
C ILE A 191 1.67 12.57 1.69
N GLU A 192 2.52 13.60 1.45
CA GLU A 192 2.90 14.61 2.45
C GLU A 192 1.71 15.18 3.23
N PRO A 193 0.57 15.59 2.60
CA PRO A 193 -0.60 16.08 3.35
C PRO A 193 -1.20 15.15 4.41
N TYR A 194 -1.03 13.83 4.19
CA TYR A 194 -1.51 12.82 5.13
C TYR A 194 -0.51 12.58 6.27
N ILE A 195 0.75 13.08 6.17
CA ILE A 195 1.80 12.86 7.16
C ILE A 195 1.79 14.00 8.19
N SER A 196 1.89 13.64 9.49
CA SER A 196 2.30 14.51 10.60
C SER A 196 3.46 13.87 11.41
C ACE B . 1.16 -5.22 -7.23
O ACE B . 1.06 -5.53 -6.04
CH3 ACE B . 0.27 -5.86 -8.30
H ACE B . 1.78 -4.58 -7.53
H1 ACE B . -0.37 -6.28 -8.11
H2 ACE B . 0.84 -6.34 -9.14
H3 ACE B . -0.05 -5.03 -9.02
C1 GOL C . -5.42 9.92 -2.36
O1 GOL C . -5.71 9.49 -3.69
C2 GOL C . -6.36 11.02 -1.98
O2 GOL C . -6.94 10.68 -0.72
C3 GOL C . -5.68 12.36 -2.09
O3 GOL C . -5.18 12.55 -3.41
H11 GOL C . -4.48 10.23 -2.32
H12 GOL C . -5.50 9.18 -1.74
HO1 GOL C . -5.16 8.88 -3.91
H2 GOL C . -7.08 11.03 -2.62
HO2 GOL C . -6.28 10.59 -0.15
H31 GOL C . -4.94 12.40 -1.46
H32 GOL C . -6.33 13.08 -1.87
HO3 GOL C . -4.84 13.32 -3.44
#